data_4QHO
#
_entry.id   4QHO
#
_cell.length_a   141.384
_cell.length_b   141.384
_cell.length_c   83.954
_cell.angle_alpha   90.000
_cell.angle_beta   90.000
_cell.angle_gamma   120.000
#
_symmetry.space_group_name_H-M   'H 3'
#
loop_
_entity.id
_entity.type
_entity.pdbx_description
1 polymer 'Alpha-ketoglutarate-dependent dioxygenase FTO'
2 non-polymer 'ZINC ION'
3 non-polymer N-{[3-hydroxy-6-(naphthalen-1-yl)pyridin-2-yl]carbonyl}glycine
4 water water
#
_entity_poly.entity_id   1
_entity_poly.type   'polypeptide(L)'
_entity_poly.pdbx_seq_one_letter_code
;MGSSHHHHHHSSGLVPRGSHMTPKDDEFYQQWQLKYPKLILREASSVSEELHKEVQEAFLTLHKHGCLFRDLVRIQGKDL
LTPVSRILIGNPGCTYKYLNTRLFTVPWPVKGSNIKHTEAEIAAACETFLKLNDYLQIETIQALEELAAKEKANEDAVPL
CMSADFPRVGMGSSYNGQDEVDIKSRAAYNVTLLNFMDPQKMPYLKEEPYFGMGKMAVSWHHDENLVDRSAVAVYSYSCE
GPEEESEDDSHLEGRDPDIWHVGFKISWDIETPGLAIPLHQGDCYFMLDDLNATHQHCVLAGSQPRFSSTHRVAECSTGT
LDYILQRCQLALQNVCDDVDNDDVSLKSFEPAVLKQGEEIHNEVEFEWLRQFWFQGNRYRKCTDWWCQPMAQLEALWKKM
EGVTNAVLHEVKREGLPVEQRNEILTAILASLTARQNLRREWHARCQSRIARTLPADQKPECRPYWEKDDASMPLPFDLT
DIVSELRGQLLEAKP
;
_entity_poly.pdbx_strand_id   A
#
loop_
_chem_comp.id
_chem_comp.type
_chem_comp.name
_chem_comp.formula
NKG non-polymer N-{[3-hydroxy-6-(naphthalen-1-yl)pyridin-2-yl]carbonyl}glycine 'C18 H14 N2 O4'
ZN non-polymer 'ZINC ION' 'Zn 2'
#
# COMPACT_ATOMS: atom_id res chain seq x y z
N GLY A 18 29.69 10.76 13.10
CA GLY A 18 28.28 10.48 12.89
C GLY A 18 27.47 10.50 14.17
N SER A 19 26.54 11.46 14.28
CA SER A 19 25.91 11.80 15.58
C SER A 19 24.45 12.25 15.47
N HIS A 20 23.77 12.32 16.61
CA HIS A 20 22.43 12.89 16.63
C HIS A 20 22.18 13.82 17.78
N MET A 21 21.10 14.59 17.67
CA MET A 21 20.70 15.53 18.70
C MET A 21 19.29 15.24 19.15
N THR A 22 19.08 15.47 20.43
CA THR A 22 17.78 15.38 21.05
C THR A 22 17.57 16.69 21.83
N PRO A 23 16.36 16.88 22.40
CA PRO A 23 16.12 18.08 23.21
C PRO A 23 17.16 18.33 24.31
N LYS A 24 17.93 17.32 24.66
CA LYS A 24 18.97 17.46 25.68
C LYS A 24 20.19 18.22 25.15
N ASP A 25 20.20 18.52 23.86
CA ASP A 25 21.34 19.20 23.24
C ASP A 25 21.03 20.65 22.93
N ASP A 26 22.00 21.50 23.21
CA ASP A 26 21.83 22.94 23.09
C ASP A 26 21.54 23.28 21.65
N GLU A 27 22.26 22.62 20.76
CA GLU A 27 22.14 22.87 19.34
C GLU A 27 20.85 22.34 18.72
N PHE A 28 20.13 21.50 19.44
CA PHE A 28 18.99 20.77 18.90
C PHE A 28 17.97 21.70 18.24
N TYR A 29 17.54 22.70 19.00
CA TYR A 29 16.48 23.58 18.56
C TYR A 29 16.87 24.40 17.35
N GLN A 30 18.08 24.95 17.35
CA GLN A 30 18.52 25.73 16.21
C GLN A 30 18.73 24.85 14.98
N GLN A 31 19.21 23.63 15.19
CA GLN A 31 19.40 22.69 14.10
C GLN A 31 18.04 22.24 13.52
N TRP A 32 17.05 22.11 14.40
CA TRP A 32 15.68 21.88 13.99
C TRP A 32 15.19 23.03 13.08
N GLN A 33 15.32 24.29 13.54
CA GLN A 33 15.02 25.44 12.71
C GLN A 33 15.74 25.40 11.35
N LEU A 34 17.04 25.18 11.38
CA LEU A 34 17.85 25.37 10.16
C LEU A 34 17.82 24.22 9.14
N LYS A 35 17.68 22.98 9.59
CA LYS A 35 17.83 21.85 8.68
C LYS A 35 16.60 20.96 8.54
N TYR A 36 15.59 21.20 9.38
CA TYR A 36 14.40 20.35 9.46
C TYR A 36 13.16 21.21 9.80
N PRO A 37 13.01 22.40 9.19
CA PRO A 37 11.89 23.25 9.61
C PRO A 37 10.49 22.82 9.14
N LYS A 38 10.38 21.85 8.23
CA LYS A 38 9.04 21.39 7.80
C LYS A 38 8.59 20.23 8.65
N LEU A 39 9.30 20.04 9.76
CA LEU A 39 8.93 19.06 10.73
C LEU A 39 8.24 19.78 11.88
N ILE A 40 7.01 19.37 12.14
CA ILE A 40 6.24 20.02 13.18
C ILE A 40 5.84 19.00 14.23
N LEU A 41 5.70 19.53 15.44
CA LEU A 41 5.49 18.73 16.62
C LEU A 41 4.43 19.40 17.48
N ARG A 42 3.35 18.65 17.72
CA ARG A 42 2.31 19.06 18.63
C ARG A 42 2.34 18.08 19.80
N GLU A 43 2.62 18.59 20.99
CA GLU A 43 2.77 17.70 22.14
C GLU A 43 1.38 17.28 22.59
N ALA A 44 1.29 16.18 23.32
CA ALA A 44 0.01 15.60 23.72
C ALA A 44 -0.91 16.62 24.36
N SER A 45 -0.33 17.65 24.96
CA SER A 45 -1.09 18.69 25.63
C SER A 45 -2.09 19.42 24.72
N SER A 46 -1.74 19.61 23.45
CA SER A 46 -2.59 20.36 22.52
C SER A 46 -3.81 19.56 22.05
N VAL A 47 -3.90 18.31 22.50
CA VAL A 47 -4.98 17.39 22.10
C VAL A 47 -5.90 17.11 23.30
N SER A 48 -7.21 17.15 23.06
CA SER A 48 -8.19 16.99 24.14
C SER A 48 -8.11 15.60 24.80
N GLU A 49 -8.33 15.57 26.11
CA GLU A 49 -8.28 14.32 26.86
C GLU A 49 -9.31 13.32 26.33
N GLU A 50 -10.48 13.84 25.92
CA GLU A 50 -11.52 13.00 25.35
C GLU A 50 -11.01 12.27 24.12
N LEU A 51 -10.36 13.02 23.24
CA LEU A 51 -9.89 12.43 22.00
C LEU A 51 -8.80 11.39 22.27
N HIS A 52 -7.86 11.73 23.16
CA HIS A 52 -6.83 10.78 23.60
C HIS A 52 -7.49 9.49 24.03
N LYS A 53 -8.44 9.61 24.93
CA LYS A 53 -9.13 8.44 25.47
C LYS A 53 -9.78 7.62 24.37
N GLU A 54 -10.61 8.26 23.55
CA GLU A 54 -11.32 7.57 22.46
C GLU A 54 -10.35 6.84 21.53
N VAL A 55 -9.31 7.56 21.10
CA VAL A 55 -8.30 7.02 20.22
C VAL A 55 -7.57 5.83 20.85
N GLN A 56 -7.16 5.98 22.11
CA GLN A 56 -6.38 4.93 22.76
C GLN A 56 -7.23 3.68 22.99
N GLU A 57 -8.48 3.85 23.42
CA GLU A 57 -9.41 2.73 23.53
C GLU A 57 -9.64 2.09 22.15
N ALA A 58 -9.67 2.88 21.08
CA ALA A 58 -9.79 2.32 19.72
C ALA A 58 -8.56 1.48 19.31
N PHE A 59 -7.35 1.99 19.56
CA PHE A 59 -6.13 1.18 19.42
C PHE A 59 -6.26 -0.16 20.15
N LEU A 60 -6.52 -0.10 21.47
CA LEU A 60 -6.67 -1.31 22.27
C LEU A 60 -7.79 -2.22 21.72
N THR A 61 -8.91 -1.63 21.32
CA THR A 61 -9.99 -2.40 20.72
C THR A 61 -9.49 -3.17 19.52
N LEU A 62 -8.93 -2.47 18.54
CA LEU A 62 -8.46 -3.14 17.32
C LEU A 62 -7.38 -4.18 17.65
N HIS A 63 -6.61 -3.93 18.69
CA HIS A 63 -5.65 -4.92 19.16
C HIS A 63 -6.30 -6.19 19.73
N LYS A 64 -7.30 -6.04 20.60
CA LYS A 64 -7.99 -7.19 21.20
C LYS A 64 -8.58 -8.10 20.12
N HIS A 65 -9.32 -7.50 19.18
CA HIS A 65 -9.92 -8.25 18.07
C HIS A 65 -8.89 -8.79 17.05
N GLY A 66 -7.61 -8.50 17.27
CA GLY A 66 -6.55 -9.06 16.45
C GLY A 66 -6.55 -8.61 14.99
N CYS A 67 -6.77 -7.31 14.77
CA CYS A 67 -6.92 -6.78 13.43
C CYS A 67 -5.61 -6.32 12.77
N LEU A 68 -4.49 -6.35 13.52
CA LEU A 68 -3.21 -5.88 13.00
C LEU A 68 -2.30 -7.04 12.67
N PHE A 69 -1.70 -7.00 11.50
CA PHE A 69 -0.89 -8.08 10.98
C PHE A 69 0.46 -7.58 10.47
N ARG A 70 1.48 -8.38 10.73
CA ARG A 70 2.78 -8.17 10.16
C ARG A 70 2.64 -8.40 8.64
N ASP A 71 3.20 -7.51 7.83
CA ASP A 71 3.05 -7.60 6.39
C ASP A 71 4.19 -8.42 5.83
N LEU A 72 3.92 -9.13 4.77
CA LEU A 72 4.94 -9.93 4.14
C LEU A 72 5.32 -9.16 2.90
N VAL A 73 6.36 -8.34 3.01
CA VAL A 73 6.72 -7.40 1.97
C VAL A 73 7.90 -7.93 1.19
N ARG A 74 8.28 -7.20 0.16
CA ARG A 74 9.43 -7.53 -0.68
C ARG A 74 10.38 -6.35 -0.76
N ILE A 75 11.67 -6.59 -0.51
CA ILE A 75 12.66 -5.53 -0.57
C ILE A 75 13.94 -6.06 -1.18
N GLN A 76 14.41 -5.37 -2.22
CA GLN A 76 15.58 -5.78 -2.97
C GLN A 76 15.55 -7.25 -3.35
N GLY A 77 14.35 -7.76 -3.61
CA GLY A 77 14.17 -9.14 -4.02
C GLY A 77 14.04 -10.14 -2.88
N LYS A 78 13.96 -9.65 -1.64
CA LYS A 78 13.91 -10.52 -0.46
C LYS A 78 12.55 -10.40 0.21
N ASP A 79 11.98 -11.55 0.57
CA ASP A 79 10.68 -11.63 1.24
C ASP A 79 10.87 -11.45 2.75
N LEU A 80 10.23 -10.44 3.31
CA LEU A 80 10.51 -10.04 4.68
C LEU A 80 9.24 -9.77 5.44
N LEU A 81 9.20 -10.26 6.67
CA LEU A 81 8.09 -10.02 7.57
C LEU A 81 8.39 -8.77 8.38
N THR A 82 7.55 -7.75 8.31
CA THR A 82 7.83 -6.54 9.07
C THR A 82 7.74 -6.81 10.58
N PRO A 83 8.69 -6.27 11.38
CA PRO A 83 8.59 -6.37 12.84
C PRO A 83 7.25 -5.84 13.34
N VAL A 84 6.78 -4.80 12.67
CA VAL A 84 5.61 -4.05 13.10
C VAL A 84 4.30 -4.73 12.63
N SER A 85 3.26 -4.66 13.44
CA SER A 85 1.94 -5.12 13.01
C SER A 85 1.13 -3.93 12.55
N ARG A 86 0.39 -4.12 11.47
CA ARG A 86 -0.24 -3.00 10.81
C ARG A 86 -1.66 -3.26 10.36
N ILE A 87 -2.38 -2.18 10.15
CA ILE A 87 -3.65 -2.28 9.46
C ILE A 87 -3.95 -0.96 8.79
N LEU A 88 -4.58 -1.01 7.62
CA LEU A 88 -4.95 0.20 6.89
C LEU A 88 -6.43 0.50 7.06
N ILE A 89 -6.74 1.73 7.45
CA ILE A 89 -8.10 2.19 7.63
C ILE A 89 -8.31 3.43 6.78
N GLY A 90 -9.42 3.55 6.05
CA GLY A 90 -9.60 4.73 5.22
C GLY A 90 -10.85 4.76 4.38
N ASN A 91 -10.83 5.62 3.37
CA ASN A 91 -11.97 5.75 2.48
C ASN A 91 -12.32 4.41 1.84
N PRO A 92 -13.61 4.07 1.79
CA PRO A 92 -14.04 2.85 1.10
C PRO A 92 -13.47 2.73 -0.30
N GLY A 93 -12.92 1.57 -0.61
CA GLY A 93 -12.43 1.27 -1.94
C GLY A 93 -11.02 1.79 -2.22
N CYS A 94 -10.40 2.40 -1.21
CA CYS A 94 -9.08 2.97 -1.37
C CYS A 94 -7.97 1.97 -0.98
N THR A 95 -6.81 2.06 -1.63
CA THR A 95 -5.67 1.22 -1.31
C THR A 95 -4.43 2.07 -1.13
N TYR A 96 -3.43 1.49 -0.46
CA TYR A 96 -2.14 2.15 -0.27
C TYR A 96 -1.08 1.13 -0.53
N LYS A 97 -0.18 1.43 -1.44
CA LYS A 97 0.82 0.45 -1.85
C LYS A 97 2.21 0.86 -1.40
N TYR A 98 2.86 -0.04 -0.69
CA TYR A 98 4.24 0.20 -0.27
C TYR A 98 5.01 -1.12 -0.19
N LEU A 99 6.30 -1.06 -0.46
CA LEU A 99 7.19 -2.23 -0.47
C LEU A 99 6.54 -3.40 -1.20
N ASN A 100 6.05 -3.08 -2.39
CA ASN A 100 5.40 -4.01 -3.29
C ASN A 100 4.20 -4.68 -2.71
N THR A 101 3.55 -4.05 -1.76
CA THR A 101 2.44 -4.69 -1.07
C THR A 101 1.30 -3.71 -1.03
N ARG A 102 0.18 -4.08 -1.66
CA ARG A 102 -0.96 -3.20 -1.74
C ARG A 102 -1.85 -3.49 -0.57
N LEU A 103 -1.99 -2.52 0.32
CA LEU A 103 -2.94 -2.60 1.43
C LEU A 103 -4.33 -2.07 1.05
N PHE A 104 -5.36 -2.81 1.48
CA PHE A 104 -6.77 -2.49 1.20
C PHE A 104 -7.44 -1.91 2.44
N THR A 105 -8.16 -0.80 2.32
CA THR A 105 -8.67 -0.17 3.53
C THR A 105 -9.74 -0.98 4.22
N VAL A 106 -9.67 -1.03 5.55
CA VAL A 106 -10.85 -1.31 6.33
C VAL A 106 -11.62 0.01 6.30
N PRO A 107 -12.84 0.02 5.77
CA PRO A 107 -13.47 1.33 5.55
C PRO A 107 -13.90 2.05 6.83
N TRP A 108 -13.77 3.38 6.86
CA TRP A 108 -14.36 4.21 7.90
C TRP A 108 -15.55 4.95 7.30
N PRO A 109 -16.49 5.40 8.14
CA PRO A 109 -17.77 5.92 7.63
C PRO A 109 -17.71 7.37 7.10
N VAL A 110 -16.98 7.60 6.01
CA VAL A 110 -16.90 8.95 5.43
C VAL A 110 -18.28 9.39 4.93
N LYS A 111 -18.38 10.64 4.52
CA LYS A 111 -19.65 11.21 4.03
C LYS A 111 -20.29 10.31 2.97
N GLY A 112 -21.62 10.23 2.99
CA GLY A 112 -22.35 9.39 2.06
C GLY A 112 -21.82 7.97 1.97
N SER A 113 -21.64 7.34 3.12
CA SER A 113 -21.11 5.98 3.19
C SER A 113 -22.03 5.08 4.00
N ASN A 114 -22.20 3.85 3.53
CA ASN A 114 -22.91 2.81 4.26
C ASN A 114 -22.09 1.53 4.26
N ILE A 115 -21.18 1.42 5.25
CA ILE A 115 -20.25 0.29 5.32
C ILE A 115 -20.96 -1.04 5.55
N LYS A 116 -21.89 -1.06 6.51
CA LYS A 116 -22.63 -2.27 6.88
C LYS A 116 -21.70 -3.48 7.07
N HIS A 117 -20.45 -3.21 7.45
CA HIS A 117 -19.40 -4.23 7.45
C HIS A 117 -18.36 -4.09 8.57
N THR A 118 -18.65 -4.71 9.71
CA THR A 118 -17.70 -4.84 10.83
C THR A 118 -18.39 -5.45 12.05
N GLU A 119 -17.62 -5.74 13.10
CA GLU A 119 -18.17 -6.29 14.34
C GLU A 119 -18.30 -5.25 15.45
N ALA A 120 -19.36 -4.46 15.38
CA ALA A 120 -19.69 -3.41 16.36
C ALA A 120 -18.52 -2.54 16.77
N GLU A 121 -17.65 -3.09 17.62
CA GLU A 121 -16.57 -2.33 18.24
C GLU A 121 -15.57 -1.82 17.18
N ILE A 122 -15.22 -2.70 16.27
CA ILE A 122 -14.35 -2.39 15.13
C ILE A 122 -14.83 -1.15 14.37
N ALA A 123 -16.13 -1.14 14.05
CA ALA A 123 -16.73 -0.02 13.33
C ALA A 123 -16.57 1.28 14.11
N ALA A 124 -16.79 1.18 15.42
CA ALA A 124 -16.66 2.32 16.31
C ALA A 124 -15.20 2.84 16.33
N ALA A 125 -14.25 1.90 16.31
CA ALA A 125 -12.83 2.25 16.21
C ALA A 125 -12.51 2.99 14.91
N CYS A 126 -13.05 2.48 13.81
CA CYS A 126 -12.85 3.15 12.53
C CYS A 126 -13.43 4.56 12.56
N GLU A 127 -14.63 4.69 13.14
CA GLU A 127 -15.26 6.00 13.26
C GLU A 127 -14.34 6.92 14.04
N THR A 128 -13.79 6.40 15.14
CA THR A 128 -12.84 7.17 15.93
C THR A 128 -11.64 7.65 15.08
N PHE A 129 -10.98 6.74 14.36
CA PHE A 129 -9.85 7.18 13.57
C PHE A 129 -10.24 8.13 12.43
N LEU A 130 -11.49 8.06 11.99
CA LEU A 130 -12.02 9.12 11.14
C LEU A 130 -12.01 10.44 11.91
N LYS A 131 -12.53 10.42 13.14
CA LYS A 131 -12.53 11.65 13.95
C LYS A 131 -11.08 12.20 14.13
N LEU A 132 -10.16 11.30 14.46
CA LEU A 132 -8.76 11.67 14.60
C LEU A 132 -8.29 12.29 13.27
N ASN A 133 -8.61 11.63 12.17
CA ASN A 133 -8.26 12.14 10.86
C ASN A 133 -8.73 13.59 10.61
N ASP A 134 -10.01 13.85 10.88
CA ASP A 134 -10.54 15.20 10.73
C ASP A 134 -9.74 16.23 11.57
N TYR A 135 -9.46 15.87 12.82
CA TYR A 135 -8.68 16.77 13.68
C TYR A 135 -7.28 17.06 13.10
N LEU A 136 -6.52 16.00 12.84
CA LEU A 136 -5.17 16.14 12.28
C LEU A 136 -5.17 16.93 10.98
N GLN A 137 -6.20 16.72 10.16
CA GLN A 137 -6.37 17.50 8.95
C GLN A 137 -6.44 18.99 9.27
N ILE A 138 -7.37 19.37 10.17
CA ILE A 138 -7.44 20.76 10.61
C ILE A 138 -6.07 21.31 11.08
N GLU A 139 -5.38 20.54 11.94
CA GLU A 139 -4.05 20.98 12.41
C GLU A 139 -3.06 21.14 11.24
N THR A 140 -3.10 20.21 10.29
CA THR A 140 -2.16 20.25 9.17
C THR A 140 -2.42 21.49 8.33
N ILE A 141 -3.68 21.78 8.09
CA ILE A 141 -4.03 22.98 7.35
C ILE A 141 -3.49 24.23 8.08
N GLN A 142 -3.75 24.31 9.39
CA GLN A 142 -3.23 25.43 10.18
C GLN A 142 -1.70 25.57 10.04
N ALA A 143 -0.98 24.47 10.22
CA ALA A 143 0.48 24.51 10.16
C ALA A 143 0.97 24.90 8.75
N LEU A 144 0.32 24.39 7.73
CA LEU A 144 0.71 24.73 6.36
C LEU A 144 0.45 26.21 6.03
N GLU A 145 -0.64 26.76 6.57
CA GLU A 145 -0.85 28.21 6.51
C GLU A 145 0.34 28.94 7.12
N GLU A 146 0.63 28.62 8.39
CA GLU A 146 1.77 29.21 9.07
C GLU A 146 3.07 29.09 8.26
N LEU A 147 3.32 27.92 7.68
CA LEU A 147 4.51 27.74 6.87
C LEU A 147 4.53 28.65 5.64
N ALA A 148 3.42 28.72 4.90
CA ALA A 148 3.35 29.61 3.74
C ALA A 148 3.54 31.09 4.13
N ALA A 149 2.98 31.46 5.28
CA ALA A 149 3.13 32.82 5.83
C ALA A 149 4.58 33.14 6.24
N LYS A 150 5.27 32.16 6.80
CA LYS A 150 6.71 32.30 7.05
C LYS A 150 7.46 32.45 5.72
N GLU A 151 7.11 31.62 4.75
CA GLU A 151 7.68 31.71 3.41
C GLU A 151 7.46 33.09 2.81
N LYS A 152 6.28 33.67 3.06
CA LYS A 152 5.98 35.03 2.59
C LYS A 152 6.98 36.07 3.08
N ALA A 153 7.51 35.89 4.28
CA ALA A 153 8.47 36.84 4.84
C ALA A 153 9.89 36.58 4.31
N ASP A 179 -1.41 28.16 -3.66
CA ASP A 179 -2.84 28.47 -3.59
C ASP A 179 -3.45 27.74 -2.39
N GLU A 180 -4.72 28.02 -2.12
CA GLU A 180 -5.44 27.41 -0.99
C GLU A 180 -5.93 26.00 -1.34
N VAL A 181 -6.29 25.79 -2.61
CA VAL A 181 -6.74 24.49 -3.07
C VAL A 181 -5.59 23.48 -2.94
N ASP A 182 -4.38 23.92 -3.25
CA ASP A 182 -3.19 23.10 -3.11
C ASP A 182 -3.01 22.63 -1.66
N ILE A 183 -3.18 23.55 -0.72
CA ILE A 183 -3.04 23.22 0.69
C ILE A 183 -4.13 22.24 1.15
N LYS A 184 -5.41 22.55 0.89
CA LYS A 184 -6.49 21.65 1.31
C LYS A 184 -6.25 20.26 0.68
N SER A 185 -5.75 20.28 -0.55
CA SER A 185 -5.40 19.07 -1.28
C SER A 185 -4.26 18.27 -0.61
N ARG A 186 -3.25 18.96 -0.11
CA ARG A 186 -2.14 18.29 0.56
C ARG A 186 -2.40 17.86 2.01
N ALA A 187 -3.58 18.16 2.56
CA ALA A 187 -3.94 17.69 3.90
C ALA A 187 -5.15 16.73 3.85
N ALA A 188 -5.65 16.45 2.65
CA ALA A 188 -6.87 15.65 2.49
C ALA A 188 -6.64 14.18 2.75
N TYR A 189 -6.24 13.84 3.98
CA TYR A 189 -5.91 12.47 4.35
C TYR A 189 -7.06 11.50 4.01
N ASN A 190 -6.80 10.56 3.09
CA ASN A 190 -7.80 9.58 2.68
C ASN A 190 -7.65 8.20 3.35
N VAL A 191 -6.51 7.99 4.02
CA VAL A 191 -6.21 6.76 4.77
C VAL A 191 -5.28 7.06 5.98
N THR A 192 -5.35 6.18 6.98
CA THR A 192 -4.34 6.11 8.00
C THR A 192 -3.83 4.70 8.02
N LEU A 193 -2.52 4.57 8.16
CA LEU A 193 -1.90 3.28 8.37
C LEU A 193 -1.54 3.17 9.87
N LEU A 194 -2.16 2.20 10.54
CA LEU A 194 -1.97 1.98 11.97
C LEU A 194 -0.88 0.96 12.21
N ASN A 195 -0.03 1.25 13.20
CA ASN A 195 1.04 0.34 13.64
C ASN A 195 0.98 -0.04 15.10
N PHE A 196 1.38 -1.26 15.40
CA PHE A 196 1.63 -1.69 16.75
C PHE A 196 2.93 -2.45 16.81
N MET A 197 3.70 -2.23 17.87
CA MET A 197 4.80 -3.12 18.15
C MET A 197 5.10 -3.20 19.63
N ASP A 198 5.31 -4.43 20.08
CA ASP A 198 5.72 -4.75 21.43
C ASP A 198 7.19 -5.13 21.39
N PRO A 199 8.09 -4.22 21.83
CA PRO A 199 9.51 -4.57 21.65
C PRO A 199 9.95 -5.70 22.58
N GLN A 200 9.12 -6.05 23.56
CA GLN A 200 9.43 -7.16 24.47
C GLN A 200 9.14 -8.51 23.81
N LYS A 201 8.13 -8.55 22.95
CA LYS A 201 7.78 -9.77 22.22
C LYS A 201 8.45 -9.78 20.84
N MET A 202 8.83 -8.60 20.36
CA MET A 202 9.51 -8.45 19.06
C MET A 202 10.87 -7.76 19.26
N PRO A 203 11.86 -8.51 19.77
CA PRO A 203 13.17 -7.95 20.12
C PRO A 203 14.26 -8.06 19.05
N TYR A 204 13.89 -8.45 17.83
CA TYR A 204 14.88 -8.71 16.78
C TYR A 204 14.97 -7.50 15.90
N LEU A 205 15.70 -6.51 16.43
CA LEU A 205 15.71 -5.17 15.89
C LEU A 205 17.13 -4.72 15.53
N LYS A 206 17.25 -4.13 14.35
CA LYS A 206 18.55 -3.68 13.83
C LYS A 206 19.07 -2.43 14.56
N GLU A 207 20.37 -2.27 14.61
CA GLU A 207 20.94 -1.06 15.16
C GLU A 207 21.00 0.04 14.09
N GLU A 208 20.57 1.23 14.44
CA GLU A 208 20.71 2.39 13.59
C GLU A 208 22.16 2.63 13.17
N PRO A 209 22.43 2.62 11.86
CA PRO A 209 23.83 2.45 11.50
C PRO A 209 24.69 3.73 11.37
N TYR A 210 24.11 4.93 11.38
CA TYR A 210 24.88 6.14 11.01
C TYR A 210 25.10 7.14 12.13
N PHE A 211 24.12 7.26 13.02
CA PHE A 211 24.11 8.30 14.04
C PHE A 211 24.15 7.76 15.47
N GLY A 212 24.21 6.44 15.63
CA GLY A 212 24.17 5.78 16.93
C GLY A 212 22.83 5.95 17.64
N MET A 213 21.73 5.94 16.91
CA MET A 213 20.42 6.14 17.54
C MET A 213 19.87 4.85 18.21
N GLY A 214 20.59 3.74 18.11
CA GLY A 214 20.10 2.51 18.68
C GLY A 214 19.03 1.80 17.86
N LYS A 215 18.14 1.11 18.55
CA LYS A 215 17.32 0.08 17.92
C LYS A 215 16.20 0.66 17.08
N MET A 216 16.06 0.12 15.87
CA MET A 216 15.07 0.62 14.94
C MET A 216 13.87 -0.32 14.82
N ALA A 217 12.69 0.23 14.99
CA ALA A 217 11.47 -0.48 14.62
C ALA A 217 11.33 -0.47 13.11
N VAL A 218 11.63 0.69 12.51
CA VAL A 218 11.56 0.87 11.08
C VAL A 218 12.83 1.56 10.63
N SER A 219 13.52 0.99 9.64
CA SER A 219 14.72 1.59 9.09
C SER A 219 14.49 2.94 8.37
N TRP A 220 15.58 3.59 8.02
CA TRP A 220 15.55 4.82 7.23
C TRP A 220 14.81 4.61 5.92
N HIS A 221 13.84 5.47 5.64
CA HIS A 221 13.08 5.37 4.39
C HIS A 221 12.43 6.70 4.04
N HIS A 222 11.98 6.81 2.78
CA HIS A 222 10.95 7.77 2.38
C HIS A 222 9.62 7.05 2.34
N ASP A 223 8.52 7.71 2.69
CA ASP A 223 7.21 7.11 2.43
C ASP A 223 6.89 7.18 0.93
N GLU A 224 6.55 6.05 0.35
CA GLU A 224 6.09 5.93 -1.03
C GLU A 224 4.59 6.24 -1.24
N ASN A 225 4.23 6.44 -2.52
CA ASN A 225 2.83 6.40 -3.02
C ASN A 225 2.00 7.47 -2.32
N LEU A 226 2.63 8.60 -2.05
CA LEU A 226 1.94 9.75 -1.50
C LEU A 226 1.78 10.77 -2.59
N VAL A 227 0.69 11.55 -2.51
CA VAL A 227 0.51 12.71 -3.37
C VAL A 227 1.71 13.61 -3.16
N ASP A 228 2.18 14.19 -4.26
CA ASP A 228 3.35 15.06 -4.25
C ASP A 228 3.17 16.21 -3.26
N ARG A 229 4.19 16.39 -2.42
CA ARG A 229 4.26 17.50 -1.47
C ARG A 229 3.15 17.42 -0.42
N SER A 230 2.53 16.24 -0.31
CA SER A 230 1.45 16.03 0.67
C SER A 230 2.05 15.70 2.04
N ALA A 231 1.32 16.15 3.06
CA ALA A 231 1.79 16.12 4.42
C ALA A 231 1.56 14.74 4.98
N VAL A 232 2.27 14.35 6.04
CA VAL A 232 1.90 13.13 6.74
C VAL A 232 1.74 13.47 8.20
N ALA A 233 0.65 12.99 8.82
CA ALA A 233 0.37 13.33 10.23
C ALA A 233 0.34 12.08 11.06
N VAL A 234 1.12 12.08 12.14
CA VAL A 234 1.28 10.89 12.95
C VAL A 234 0.84 11.11 14.40
N TYR A 235 -0.08 10.25 14.88
CA TYR A 235 -0.41 10.20 16.30
C TYR A 235 0.31 9.02 16.94
N SER A 236 1.13 9.30 17.95
CA SER A 236 1.96 8.26 18.59
C SER A 236 1.52 7.99 20.01
N TYR A 237 1.27 6.72 20.29
CA TYR A 237 0.74 6.29 21.58
C TYR A 237 1.66 5.22 22.17
N SER A 238 2.58 5.69 22.99
CA SER A 238 3.50 4.81 23.67
C SER A 238 2.85 4.40 24.98
N CYS A 239 2.83 3.11 25.26
CA CYS A 239 2.21 2.63 26.50
C CYS A 239 3.19 2.84 27.63
N GLU A 240 2.81 3.64 28.62
CA GLU A 240 3.72 3.99 29.72
C GLU A 240 5.02 4.59 29.15
N LEU A 252 23.48 10.82 30.77
CA LEU A 252 23.38 9.77 29.77
C LEU A 252 23.50 10.33 28.34
N GLU A 253 24.47 9.80 27.59
CA GLU A 253 24.79 10.33 26.27
C GLU A 253 23.84 9.82 25.19
N GLY A 254 23.23 10.76 24.46
CA GLY A 254 22.38 10.40 23.34
C GLY A 254 20.95 10.10 23.74
N ARG A 255 20.19 9.57 22.79
CA ARG A 255 18.76 9.39 22.97
C ARG A 255 18.48 8.28 23.96
N ASP A 256 17.45 8.51 24.78
CA ASP A 256 17.00 7.60 25.80
C ASP A 256 16.50 6.29 25.16
N PRO A 257 17.19 5.16 25.44
CA PRO A 257 16.86 3.89 24.77
C PRO A 257 15.44 3.41 25.08
N ASP A 258 14.95 3.68 26.30
CA ASP A 258 13.64 3.22 26.73
C ASP A 258 12.43 4.01 26.17
N ILE A 259 12.67 5.12 25.47
CA ILE A 259 11.58 5.95 24.95
C ILE A 259 11.54 5.92 23.42
N TRP A 260 10.32 5.86 22.85
CA TRP A 260 10.21 5.84 21.39
C TRP A 260 10.59 7.21 20.78
N HIS A 261 11.22 7.15 19.61
CA HIS A 261 11.55 8.36 18.89
C HIS A 261 11.22 8.21 17.42
N VAL A 262 11.05 9.36 16.75
CA VAL A 262 11.13 9.37 15.31
C VAL A 262 12.45 10.05 14.97
N GLY A 263 13.20 9.43 14.06
CA GLY A 263 14.48 9.95 13.63
C GLY A 263 14.35 10.57 12.25
N PHE A 264 15.09 11.65 12.02
CA PHE A 264 15.17 12.30 10.71
C PHE A 264 16.58 12.55 10.28
N LYS A 265 16.81 12.37 8.99
CA LYS A 265 18.09 12.75 8.41
C LYS A 265 17.85 13.39 7.06
N ILE A 266 18.85 14.11 6.58
CA ILE A 266 18.81 14.65 5.24
C ILE A 266 19.20 13.54 4.25
N SER A 267 18.52 13.51 3.10
CA SER A 267 18.83 12.52 2.08
C SER A 267 20.29 12.64 1.66
N TRP A 268 20.89 11.49 1.37
CA TRP A 268 22.28 11.36 0.93
C TRP A 268 23.30 11.76 1.97
N ASP A 269 22.85 12.25 3.12
CA ASP A 269 23.73 12.96 4.05
C ASP A 269 23.84 12.33 5.45
N ILE A 270 25.03 11.84 5.80
CA ILE A 270 25.25 11.38 7.18
C ILE A 270 26.22 12.27 7.94
N GLU A 271 26.60 13.40 7.34
CA GLU A 271 27.45 14.39 7.99
C GLU A 271 26.60 15.32 8.86
N THR A 272 25.51 15.83 8.32
CA THR A 272 24.60 16.65 9.09
C THR A 272 23.97 15.78 10.19
N PRO A 273 24.12 16.18 11.46
CA PRO A 273 23.60 15.29 12.50
C PRO A 273 22.11 15.04 12.38
N GLY A 274 21.69 13.81 12.59
CA GLY A 274 20.28 13.48 12.51
C GLY A 274 19.55 14.02 13.73
N LEU A 275 18.22 14.11 13.62
CA LEU A 275 17.39 14.51 14.76
C LEU A 275 16.70 13.26 15.26
N ALA A 276 16.69 13.11 16.58
CA ALA A 276 15.88 12.08 17.23
C ALA A 276 14.88 12.76 18.14
N ILE A 277 13.60 12.67 17.76
CA ILE A 277 12.50 13.33 18.45
C ILE A 277 11.78 12.34 19.36
N PRO A 278 11.82 12.59 20.70
CA PRO A 278 11.11 11.75 21.67
C PRO A 278 9.59 11.86 21.52
N LEU A 279 8.94 10.69 21.50
CA LEU A 279 7.50 10.60 21.41
C LEU A 279 6.99 9.97 22.70
N HIS A 280 6.08 10.64 23.36
CA HIS A 280 5.53 10.08 24.57
C HIS A 280 4.13 9.56 24.28
N GLN A 281 3.21 9.75 25.20
CA GLN A 281 1.86 9.25 25.02
C GLN A 281 0.97 10.32 24.40
N GLY A 282 0.60 10.12 23.14
CA GLY A 282 -0.30 11.03 22.44
C GLY A 282 0.37 12.24 21.79
N ASP A 283 1.70 12.21 21.64
CA ASP A 283 2.41 13.25 20.92
C ASP A 283 2.08 13.09 19.45
N CYS A 284 1.98 14.22 18.74
CA CYS A 284 1.75 14.22 17.28
C CYS A 284 2.89 14.91 16.55
N TYR A 285 3.27 14.40 15.39
CA TYR A 285 4.17 15.15 14.55
C TYR A 285 3.66 15.16 13.10
N PHE A 286 4.21 16.09 12.32
CA PHE A 286 3.75 16.37 10.98
C PHE A 286 4.97 16.57 10.07
N MET A 287 5.01 15.79 9.00
CA MET A 287 5.95 16.01 7.93
C MET A 287 5.21 16.86 6.90
N LEU A 288 5.67 18.09 6.72
CA LEU A 288 5.00 19.00 5.81
C LEU A 288 5.75 19.12 4.50
N ASP A 289 4.98 19.27 3.43
CA ASP A 289 5.47 19.73 2.15
C ASP A 289 6.52 18.79 1.57
N ASP A 290 7.71 19.26 1.25
CA ASP A 290 8.69 18.38 0.60
C ASP A 290 9.59 17.64 1.63
N LEU A 291 9.24 17.70 2.91
CA LEU A 291 10.05 17.04 3.94
C LEU A 291 10.30 15.59 3.62
N ASN A 292 9.24 14.90 3.24
CA ASN A 292 9.32 13.46 3.00
C ASN A 292 10.16 13.17 1.77
N ALA A 293 10.44 14.18 0.95
CA ALA A 293 11.23 13.94 -0.24
C ALA A 293 12.68 14.31 0.03
N THR A 294 12.90 15.36 0.81
CA THR A 294 14.23 15.88 1.04
C THR A 294 14.93 15.15 2.17
N HIS A 295 14.13 14.50 3.02
CA HIS A 295 14.63 13.86 4.22
C HIS A 295 14.20 12.43 4.24
N GLN A 296 14.84 11.68 5.13
CA GLN A 296 14.42 10.31 5.42
C GLN A 296 14.02 10.28 6.86
N HIS A 297 13.18 9.33 7.20
CA HIS A 297 12.83 9.16 8.60
C HIS A 297 12.92 7.70 8.99
N CYS A 298 12.97 7.49 10.29
CA CYS A 298 12.96 6.16 10.84
C CYS A 298 12.25 6.19 12.17
N VAL A 299 11.92 5.01 12.68
CA VAL A 299 11.30 4.88 14.02
C VAL A 299 12.25 4.19 14.98
N LEU A 300 12.59 4.86 16.06
CA LEU A 300 13.49 4.30 17.04
C LEU A 300 12.65 3.71 18.17
N ALA A 301 12.79 2.41 18.38
CA ALA A 301 11.97 1.73 19.37
C ALA A 301 12.44 2.03 20.81
N GLY A 302 11.46 2.11 21.71
CA GLY A 302 11.67 2.19 23.13
C GLY A 302 11.51 0.80 23.70
N SER A 303 11.17 0.71 24.97
CA SER A 303 11.12 -0.57 25.65
C SER A 303 9.68 -1.02 25.81
N GLN A 304 8.77 -0.06 25.82
CA GLN A 304 7.36 -0.37 26.02
C GLN A 304 6.67 -0.59 24.68
N PRO A 305 5.49 -1.25 24.72
CA PRO A 305 4.68 -1.37 23.51
C PRO A 305 4.31 0.01 22.98
N ARG A 306 4.13 0.13 21.66
CA ARG A 306 3.69 1.40 21.11
C ARG A 306 2.83 1.26 19.86
N PHE A 307 1.80 2.10 19.81
CA PHE A 307 0.89 2.22 18.68
C PHE A 307 1.15 3.52 17.94
N SER A 308 0.88 3.55 16.63
CA SER A 308 0.82 4.85 15.97
C SER A 308 -0.21 4.83 14.86
N SER A 309 -0.78 6.00 14.59
CA SER A 309 -1.70 6.22 13.49
C SER A 309 -1.06 7.18 12.50
N THR A 310 -0.72 6.71 11.30
CA THR A 310 -0.06 7.58 10.32
C THR A 310 -1.00 7.94 9.17
N HIS A 311 -1.42 9.20 9.16
CA HIS A 311 -2.39 9.72 8.22
C HIS A 311 -1.72 10.30 6.99
N ARG A 312 -2.22 9.82 5.85
CA ARG A 312 -1.65 10.03 4.53
C ARG A 312 -2.68 10.41 3.46
N VAL A 313 -2.17 11.17 2.50
CA VAL A 313 -2.82 11.36 1.23
C VAL A 313 -2.24 10.37 0.24
N ALA A 314 -2.84 9.19 0.19
CA ALA A 314 -2.41 8.18 -0.75
C ALA A 314 -2.69 8.64 -2.16
N GLU A 315 -1.70 8.42 -3.01
CA GLU A 315 -1.80 8.71 -4.40
C GLU A 315 -2.53 7.54 -5.04
N CYS A 316 -3.84 7.57 -4.96
CA CYS A 316 -4.69 6.47 -5.44
C CYS A 316 -5.36 6.71 -6.79
N SER A 317 -4.70 7.40 -7.70
CA SER A 317 -5.29 7.64 -9.03
C SER A 317 -5.47 6.31 -9.81
N THR A 318 -4.61 5.34 -9.54
CA THR A 318 -4.78 3.99 -10.06
C THR A 318 -4.89 3.01 -8.89
N GLY A 319 -5.44 3.48 -7.78
CA GLY A 319 -5.47 2.71 -6.56
C GLY A 319 -6.83 2.58 -5.88
N THR A 320 -7.90 2.61 -6.65
CA THR A 320 -9.24 2.49 -6.04
C THR A 320 -10.07 1.49 -6.78
N LEU A 321 -11.05 0.95 -6.08
CA LEU A 321 -11.94 -0.05 -6.66
C LEU A 321 -12.62 0.53 -7.88
N ASP A 322 -13.17 1.74 -7.76
CA ASP A 322 -13.81 2.42 -8.91
C ASP A 322 -12.88 2.50 -10.09
N TYR A 323 -11.62 2.83 -9.84
CA TYR A 323 -10.70 3.00 -10.95
C TYR A 323 -10.51 1.66 -11.64
N ILE A 324 -10.30 0.59 -10.88
CA ILE A 324 -9.96 -0.68 -11.54
C ILE A 324 -11.23 -1.31 -12.16
N LEU A 325 -12.40 -1.06 -11.57
CA LEU A 325 -13.66 -1.49 -12.27
C LEU A 325 -13.84 -0.73 -13.58
N GLN A 326 -13.55 0.57 -13.58
CA GLN A 326 -13.67 1.32 -14.83
C GLN A 326 -12.70 0.75 -15.88
N ARG A 327 -11.48 0.43 -15.45
CA ARG A 327 -10.55 -0.22 -16.36
C ARG A 327 -11.12 -1.54 -16.95
N CYS A 328 -11.67 -2.39 -16.09
CA CYS A 328 -12.25 -3.64 -16.55
C CYS A 328 -13.39 -3.41 -17.56
N GLN A 329 -14.27 -2.47 -17.25
CA GLN A 329 -15.35 -2.08 -18.16
C GLN A 329 -14.79 -1.69 -19.52
N LEU A 330 -13.71 -0.92 -19.52
CA LEU A 330 -13.07 -0.56 -20.78
C LEU A 330 -12.54 -1.79 -21.53
N ALA A 331 -11.88 -2.70 -20.84
CA ALA A 331 -11.40 -3.89 -21.52
C ALA A 331 -12.56 -4.67 -22.14
N LEU A 332 -13.67 -4.81 -21.42
CA LEU A 332 -14.77 -5.61 -21.92
C LEU A 332 -15.67 -4.90 -22.94
N GLN A 333 -15.35 -3.66 -23.27
CA GLN A 333 -15.95 -3.01 -24.42
C GLN A 333 -15.65 -3.77 -25.69
N ASN A 334 -14.52 -4.45 -25.74
CA ASN A 334 -14.16 -5.20 -26.92
C ASN A 334 -14.86 -6.57 -26.99
N VAL A 335 -15.70 -6.88 -26.00
CA VAL A 335 -16.36 -8.18 -25.96
C VAL A 335 -17.85 -8.10 -26.32
N CYS A 336 -18.31 -9.03 -27.15
CA CYS A 336 -19.73 -9.15 -27.42
C CYS A 336 -20.44 -9.63 -26.16
N ASP A 337 -21.31 -8.78 -25.60
CA ASP A 337 -21.79 -8.97 -24.25
C ASP A 337 -23.32 -9.17 -24.09
N ASP A 338 -23.98 -9.75 -25.08
CA ASP A 338 -25.41 -10.08 -24.93
C ASP A 338 -25.62 -11.01 -23.73
N VAL A 339 -24.83 -12.09 -23.66
CA VAL A 339 -24.93 -13.10 -22.62
C VAL A 339 -23.57 -13.40 -22.00
N ASP A 340 -23.56 -13.74 -20.72
CA ASP A 340 -22.36 -14.24 -20.07
C ASP A 340 -22.22 -15.75 -20.20
N ASN A 341 -21.42 -16.18 -21.17
CA ASN A 341 -21.04 -17.57 -21.28
C ASN A 341 -19.59 -17.70 -21.72
N ASP A 342 -19.21 -18.88 -22.21
CA ASP A 342 -17.80 -19.15 -22.50
C ASP A 342 -17.45 -18.87 -23.97
N ASP A 343 -18.47 -18.69 -24.80
CA ASP A 343 -18.27 -18.34 -26.21
C ASP A 343 -17.94 -16.84 -26.34
N VAL A 344 -16.77 -16.45 -25.82
CA VAL A 344 -16.29 -15.07 -25.88
C VAL A 344 -15.92 -14.68 -27.30
N SER A 345 -16.54 -13.64 -27.83
CA SER A 345 -16.19 -13.18 -29.18
C SER A 345 -15.92 -11.68 -29.15
N LEU A 346 -14.89 -11.27 -29.87
CA LEU A 346 -14.40 -9.90 -29.79
C LEU A 346 -14.88 -9.04 -30.94
N LYS A 347 -15.00 -7.75 -30.67
CA LYS A 347 -15.57 -6.80 -31.62
C LYS A 347 -14.51 -6.33 -32.61
N SER A 348 -13.28 -6.27 -32.16
CA SER A 348 -12.19 -5.82 -33.00
C SER A 348 -10.91 -6.51 -32.66
N PHE A 349 -10.09 -6.76 -33.68
CA PHE A 349 -8.73 -7.22 -33.47
C PHE A 349 -7.71 -6.13 -33.83
N GLU A 350 -8.13 -4.86 -33.79
CA GLU A 350 -7.20 -3.77 -33.93
C GLU A 350 -6.12 -3.90 -32.84
N PRO A 351 -4.83 -3.82 -33.23
CA PRO A 351 -3.75 -4.03 -32.25
C PRO A 351 -3.82 -3.14 -31.00
N ALA A 352 -4.06 -1.85 -31.15
CA ALA A 352 -4.15 -0.98 -29.98
C ALA A 352 -5.18 -1.47 -28.94
N VAL A 353 -6.35 -1.89 -29.41
CA VAL A 353 -7.43 -2.37 -28.54
C VAL A 353 -7.05 -3.68 -27.82
N LEU A 354 -6.34 -4.56 -28.52
CA LEU A 354 -5.91 -5.82 -27.93
C LEU A 354 -4.80 -5.61 -26.91
N LYS A 355 -3.85 -4.75 -27.24
CA LYS A 355 -2.77 -4.37 -26.33
C LYS A 355 -3.39 -3.84 -25.04
N GLN A 356 -4.23 -2.80 -25.19
CA GLN A 356 -4.98 -2.31 -24.05
C GLN A 356 -5.68 -3.44 -23.22
N GLY A 357 -6.43 -4.31 -23.90
CA GLY A 357 -7.10 -5.40 -23.20
C GLY A 357 -6.18 -6.28 -22.36
N GLU A 358 -5.07 -6.70 -22.96
CA GLU A 358 -4.13 -7.55 -22.27
C GLU A 358 -3.40 -6.80 -21.12
N GLU A 359 -3.15 -5.52 -21.31
CA GLU A 359 -2.58 -4.71 -20.24
C GLU A 359 -3.53 -4.60 -19.03
N ILE A 360 -4.82 -4.39 -19.30
CA ILE A 360 -5.79 -4.32 -18.21
C ILE A 360 -5.95 -5.67 -17.48
N HIS A 361 -5.96 -6.74 -18.26
CA HIS A 361 -5.94 -8.11 -17.72
C HIS A 361 -4.79 -8.24 -16.70
N ASN A 362 -3.60 -7.84 -17.11
CA ASN A 362 -2.47 -7.90 -16.17
C ASN A 362 -2.68 -7.04 -14.94
N GLU A 363 -3.17 -5.83 -15.16
CA GLU A 363 -3.39 -4.94 -14.04
C GLU A 363 -4.37 -5.57 -13.00
N VAL A 364 -5.54 -6.04 -13.43
CA VAL A 364 -6.47 -6.60 -12.46
C VAL A 364 -5.93 -7.90 -11.84
N GLU A 365 -5.23 -8.72 -12.61
CA GLU A 365 -4.64 -9.90 -12.01
C GLU A 365 -3.58 -9.59 -10.96
N PHE A 366 -2.59 -8.76 -11.28
CA PHE A 366 -1.39 -8.63 -10.45
C PHE A 366 -1.39 -7.46 -9.46
N GLU A 367 -2.15 -6.41 -9.75
CA GLU A 367 -2.17 -5.28 -8.84
C GLU A 367 -3.32 -5.41 -7.88
N TRP A 368 -4.28 -6.27 -8.19
CA TRP A 368 -5.47 -6.42 -7.38
C TRP A 368 -5.68 -7.86 -6.84
N LEU A 369 -6.07 -8.80 -7.69
CA LEU A 369 -6.42 -10.14 -7.19
C LEU A 369 -5.29 -10.80 -6.40
N ARG A 370 -4.11 -10.95 -7.01
CA ARG A 370 -3.00 -11.63 -6.33
C ARG A 370 -2.53 -10.86 -5.10
N GLN A 371 -2.48 -9.55 -5.19
CA GLN A 371 -2.13 -8.72 -4.03
C GLN A 371 -3.11 -9.00 -2.90
N PHE A 372 -4.38 -9.02 -3.23
CA PHE A 372 -5.43 -9.23 -2.23
C PHE A 372 -5.32 -10.60 -1.58
N TRP A 373 -5.17 -11.64 -2.39
CA TRP A 373 -5.13 -13.00 -1.87
C TRP A 373 -3.78 -13.42 -1.27
N PHE A 374 -2.72 -12.71 -1.63
CA PHE A 374 -1.43 -12.94 -1.00
C PHE A 374 -1.52 -12.65 0.48
N GLN A 375 -2.40 -11.74 0.84
CA GLN A 375 -2.53 -11.35 2.23
C GLN A 375 -3.39 -12.37 2.99
N GLY A 376 -3.84 -13.42 2.29
CA GLY A 376 -4.47 -14.55 2.94
C GLY A 376 -5.87 -14.25 3.46
N ASN A 377 -6.51 -13.25 2.87
CA ASN A 377 -7.88 -12.87 3.26
C ASN A 377 -7.92 -12.41 4.72
N ARG A 378 -6.80 -11.88 5.21
CA ARG A 378 -6.79 -11.28 6.52
C ARG A 378 -7.57 -9.98 6.42
N TYR A 379 -8.29 -9.65 7.50
CA TYR A 379 -9.19 -8.49 7.56
C TYR A 379 -10.63 -8.90 7.19
N ARG A 380 -10.82 -10.10 6.65
CA ARG A 380 -12.12 -10.76 6.68
C ARG A 380 -12.52 -10.78 8.15
N LYS A 381 -11.50 -10.89 8.99
CA LYS A 381 -11.58 -10.69 10.43
C LYS A 381 -12.28 -9.39 10.83
N CYS A 382 -12.01 -8.32 10.09
CA CYS A 382 -12.41 -6.97 10.49
C CYS A 382 -13.59 -6.39 9.70
N THR A 383 -13.68 -6.74 8.42
CA THR A 383 -14.78 -6.29 7.56
C THR A 383 -14.94 -7.26 6.40
N ASP A 384 -16.11 -7.28 5.77
CA ASP A 384 -16.30 -8.09 4.57
C ASP A 384 -16.42 -7.20 3.32
N TRP A 385 -15.96 -5.96 3.43
CA TRP A 385 -16.21 -4.93 2.42
C TRP A 385 -15.72 -5.34 1.04
N TRP A 386 -14.57 -6.02 1.02
CA TRP A 386 -13.88 -6.35 -0.21
C TRP A 386 -14.30 -7.69 -0.83
N CYS A 387 -15.09 -8.48 -0.10
CA CYS A 387 -15.46 -9.84 -0.55
C CYS A 387 -16.19 -9.83 -1.89
N GLN A 388 -17.24 -9.04 -1.98
CA GLN A 388 -17.99 -8.97 -3.22
C GLN A 388 -17.14 -8.30 -4.30
N PRO A 389 -16.54 -7.13 -3.99
CA PRO A 389 -15.70 -6.54 -5.05
C PRO A 389 -14.62 -7.49 -5.61
N MET A 390 -13.96 -8.27 -4.75
CA MET A 390 -12.95 -9.22 -5.22
C MET A 390 -13.58 -10.37 -5.99
N ALA A 391 -14.76 -10.83 -5.55
CA ALA A 391 -15.47 -11.79 -6.38
C ALA A 391 -15.75 -11.17 -7.78
N GLN A 392 -16.14 -9.90 -7.80
CA GLN A 392 -16.53 -9.28 -9.06
C GLN A 392 -15.31 -9.10 -9.97
N LEU A 393 -14.19 -8.66 -9.38
CA LEU A 393 -12.97 -8.49 -10.14
C LEU A 393 -12.45 -9.86 -10.59
N GLU A 394 -12.63 -10.88 -9.78
CA GLU A 394 -12.26 -12.19 -10.25
C GLU A 394 -13.07 -12.68 -11.45
N ALA A 395 -14.39 -12.46 -11.42
CA ALA A 395 -15.22 -12.84 -12.57
C ALA A 395 -14.79 -12.06 -13.84
N LEU A 396 -14.61 -10.75 -13.69
CA LEU A 396 -14.15 -9.93 -14.80
C LEU A 396 -12.81 -10.45 -15.33
N TRP A 397 -11.90 -10.77 -14.44
CA TRP A 397 -10.62 -11.33 -14.86
C TRP A 397 -10.81 -12.68 -15.63
N LYS A 398 -11.68 -13.55 -15.13
CA LYS A 398 -11.91 -14.82 -15.83
C LYS A 398 -12.41 -14.59 -17.26
N LYS A 399 -13.31 -13.64 -17.41
CA LYS A 399 -13.77 -13.30 -18.75
C LYS A 399 -12.55 -12.85 -19.61
N MET A 400 -11.69 -12.00 -19.05
CA MET A 400 -10.48 -11.61 -19.79
C MET A 400 -9.55 -12.79 -20.18
N GLU A 401 -9.48 -13.81 -19.32
CA GLU A 401 -8.83 -15.08 -19.73
C GLU A 401 -9.53 -15.54 -21.01
N GLY A 402 -10.85 -15.43 -21.00
CA GLY A 402 -11.60 -15.74 -22.21
C GLY A 402 -11.18 -14.92 -23.43
N VAL A 403 -11.04 -13.61 -23.24
CA VAL A 403 -10.58 -12.71 -24.32
C VAL A 403 -9.23 -13.15 -24.89
N THR A 404 -8.25 -13.33 -24.01
CA THR A 404 -6.93 -13.85 -24.43
C THR A 404 -7.07 -15.11 -25.26
N ASN A 405 -7.88 -16.03 -24.77
CA ASN A 405 -8.10 -17.23 -25.53
C ASN A 405 -8.66 -16.87 -26.91
N ALA A 406 -9.62 -15.97 -26.95
CA ALA A 406 -10.19 -15.57 -28.24
C ALA A 406 -9.13 -14.97 -29.18
N VAL A 407 -8.24 -14.14 -28.64
CA VAL A 407 -7.15 -13.61 -29.48
C VAL A 407 -6.24 -14.73 -29.98
N LEU A 408 -5.91 -15.66 -29.09
CA LEU A 408 -5.04 -16.77 -29.46
C LEU A 408 -5.72 -17.62 -30.50
N HIS A 409 -7.05 -17.66 -30.44
CA HIS A 409 -7.80 -18.40 -31.45
C HIS A 409 -7.70 -17.68 -32.78
N GLU A 410 -7.98 -16.38 -32.78
CA GLU A 410 -7.87 -15.60 -34.00
C GLU A 410 -6.47 -15.68 -34.63
N VAL A 411 -5.43 -15.61 -33.82
CA VAL A 411 -4.05 -15.64 -34.32
C VAL A 411 -3.73 -16.93 -35.08
N LYS A 412 -4.50 -17.99 -34.80
CA LYS A 412 -4.34 -19.27 -35.49
C LYS A 412 -5.26 -19.46 -36.71
N ARG A 413 -6.13 -18.50 -36.98
CA ARG A 413 -7.21 -18.69 -37.97
C ARG A 413 -6.68 -18.92 -39.39
N GLU A 414 -7.29 -19.88 -40.08
CA GLU A 414 -6.86 -20.31 -41.41
C GLU A 414 -6.57 -19.14 -42.35
N GLY A 415 -7.56 -18.28 -42.57
CA GLY A 415 -7.43 -17.23 -43.57
C GLY A 415 -6.99 -15.86 -43.06
N LEU A 416 -6.10 -15.81 -42.07
CA LEU A 416 -5.61 -14.55 -41.54
C LEU A 416 -4.26 -14.22 -42.17
N PRO A 417 -4.19 -13.13 -42.96
CA PRO A 417 -2.91 -12.77 -43.58
C PRO A 417 -1.82 -12.54 -42.54
N VAL A 418 -0.65 -13.11 -42.79
CA VAL A 418 0.42 -13.11 -41.83
C VAL A 418 0.75 -11.71 -41.33
N GLU A 419 0.62 -10.70 -42.18
CA GLU A 419 0.92 -9.33 -41.75
C GLU A 419 0.00 -8.89 -40.61
N GLN A 420 -1.29 -9.18 -40.73
CA GLN A 420 -2.23 -8.86 -39.67
C GLN A 420 -1.89 -9.67 -38.42
N ARG A 421 -1.59 -10.95 -38.61
CA ARG A 421 -1.22 -11.85 -37.52
C ARG A 421 -0.03 -11.31 -36.74
N ASN A 422 0.99 -10.90 -37.48
CA ASN A 422 2.21 -10.42 -36.87
C ASN A 422 1.97 -9.09 -36.16
N GLU A 423 1.12 -8.26 -36.73
CA GLU A 423 0.69 -7.06 -36.02
C GLU A 423 0.03 -7.43 -34.66
N ILE A 424 -0.88 -8.40 -34.66
CA ILE A 424 -1.49 -8.88 -33.41
C ILE A 424 -0.43 -9.38 -32.41
N LEU A 425 0.44 -10.28 -32.88
CA LEU A 425 1.51 -10.79 -32.02
C LEU A 425 2.33 -9.66 -31.39
N THR A 426 2.81 -8.74 -32.23
CA THR A 426 3.63 -7.64 -31.73
C THR A 426 2.83 -6.80 -30.72
N ALA A 427 1.53 -6.66 -30.96
CA ALA A 427 0.66 -5.96 -30.03
C ALA A 427 0.55 -6.61 -28.64
N ILE A 428 0.39 -7.93 -28.57
CA ILE A 428 0.16 -8.59 -27.27
C ILE A 428 1.36 -9.27 -26.55
N LEU A 429 2.45 -9.50 -27.26
CA LEU A 429 3.56 -10.29 -26.72
C LEU A 429 4.19 -9.76 -25.40
N ALA A 430 4.44 -8.46 -25.31
CA ALA A 430 5.01 -7.91 -24.09
C ALA A 430 4.07 -8.23 -22.91
N SER A 431 2.76 -8.08 -23.14
CA SER A 431 1.79 -8.31 -22.09
C SER A 431 1.81 -9.75 -21.64
N LEU A 432 1.81 -10.67 -22.60
CA LEU A 432 1.84 -12.09 -22.22
C LEU A 432 3.17 -12.46 -21.52
N THR A 433 4.28 -11.89 -21.99
CA THR A 433 5.59 -12.17 -21.41
C THR A 433 5.58 -11.74 -19.95
N ALA A 434 5.13 -10.51 -19.73
CA ALA A 434 4.96 -10.00 -18.37
C ALA A 434 4.01 -10.87 -17.56
N ARG A 435 2.91 -11.34 -18.16
CA ARG A 435 1.95 -12.14 -17.42
C ARG A 435 2.66 -13.38 -16.89
N GLN A 436 3.45 -14.02 -17.75
CA GLN A 436 4.21 -15.22 -17.39
C GLN A 436 5.27 -14.99 -16.27
N ASN A 437 6.08 -13.96 -16.45
CA ASN A 437 7.10 -13.66 -15.46
C ASN A 437 6.49 -13.27 -14.11
N LEU A 438 5.41 -12.49 -14.16
CA LEU A 438 4.79 -12.06 -12.93
C LEU A 438 4.11 -13.25 -12.23
N ARG A 439 3.52 -14.16 -13.00
CA ARG A 439 2.97 -15.37 -12.41
C ARG A 439 4.04 -16.25 -11.76
N ARG A 440 5.19 -16.42 -12.41
CA ARG A 440 6.28 -17.14 -11.76
C ARG A 440 6.64 -16.46 -10.43
N GLU A 441 6.88 -15.16 -10.48
CA GLU A 441 7.21 -14.39 -9.28
C GLU A 441 6.18 -14.51 -8.15
N TRP A 442 4.92 -14.23 -8.43
CA TRP A 442 3.89 -14.37 -7.40
C TRP A 442 3.78 -15.77 -6.86
N HIS A 443 3.85 -16.78 -7.73
CA HIS A 443 3.82 -18.16 -7.24
C HIS A 443 4.97 -18.40 -6.24
N ALA A 444 6.19 -18.04 -6.65
CA ALA A 444 7.34 -18.14 -5.76
C ALA A 444 7.15 -17.31 -4.48
N ARG A 445 6.55 -16.13 -4.60
CA ARG A 445 6.41 -15.25 -3.44
C ARG A 445 5.46 -15.91 -2.43
N CYS A 446 4.40 -16.49 -2.99
CA CYS A 446 3.41 -17.25 -2.24
C CYS A 446 3.97 -18.50 -1.56
N GLN A 447 4.90 -19.20 -2.22
CA GLN A 447 5.50 -20.40 -1.64
C GLN A 447 6.79 -20.23 -0.82
N SER A 448 7.25 -18.99 -0.61
CA SER A 448 8.54 -18.77 0.06
C SER A 448 8.58 -19.39 1.46
N ARG A 449 9.80 -19.65 1.96
CA ARG A 449 9.96 -20.34 3.24
C ARG A 449 9.30 -19.55 4.36
N ILE A 450 9.52 -18.23 4.36
CA ILE A 450 8.95 -17.34 5.38
C ILE A 450 7.43 -17.35 5.30
N ALA A 451 6.90 -17.50 4.09
CA ALA A 451 5.46 -17.47 3.85
C ALA A 451 4.72 -18.68 4.45
N ARG A 452 5.32 -19.87 4.32
CA ARG A 452 4.68 -21.10 4.78
C ARG A 452 4.61 -21.19 6.32
N THR A 453 5.32 -20.30 7.01
CA THR A 453 5.37 -20.34 8.47
C THR A 453 4.23 -19.56 9.14
N LEU A 454 3.58 -18.68 8.38
CA LEU A 454 2.47 -17.87 8.90
C LEU A 454 1.29 -18.74 9.35
N PRO A 455 0.44 -18.19 10.25
CA PRO A 455 -0.78 -18.89 10.67
C PRO A 455 -1.74 -19.17 9.50
N ALA A 456 -2.69 -20.09 9.72
CA ALA A 456 -3.66 -20.46 8.68
C ALA A 456 -4.63 -19.32 8.39
N ASP A 457 -4.71 -18.37 9.32
CA ASP A 457 -5.55 -17.19 9.15
C ASP A 457 -4.88 -16.12 8.27
N GLN A 458 -3.63 -16.36 7.89
CA GLN A 458 -2.86 -15.40 7.08
C GLN A 458 -2.04 -16.09 5.98
N LYS A 459 -2.18 -17.41 5.85
CA LYS A 459 -1.47 -18.16 4.82
C LYS A 459 -1.70 -17.56 3.43
N PRO A 460 -0.61 -17.05 2.80
CA PRO A 460 -0.71 -16.58 1.41
C PRO A 460 -1.38 -17.59 0.50
N GLU A 461 -2.63 -17.31 0.12
CA GLU A 461 -3.30 -18.14 -0.85
C GLU A 461 -2.88 -17.67 -2.24
N CYS A 462 -2.28 -18.56 -3.03
CA CYS A 462 -1.94 -18.24 -4.41
C CYS A 462 -3.21 -18.38 -5.24
N ARG A 463 -3.71 -17.25 -5.72
CA ARG A 463 -5.04 -17.19 -6.27
C ARG A 463 -5.19 -16.00 -7.24
N PRO A 464 -5.76 -16.23 -8.42
CA PRO A 464 -6.29 -17.51 -8.91
C PRO A 464 -5.20 -18.49 -9.36
N TYR A 465 -5.47 -19.78 -9.15
CA TYR A 465 -4.55 -20.85 -9.54
C TYR A 465 -5.35 -22.10 -9.94
N TRP A 466 -4.93 -22.74 -11.02
CA TRP A 466 -5.64 -23.90 -11.54
C TRP A 466 -4.64 -24.87 -12.15
N GLU A 467 -5.05 -26.14 -12.24
CA GLU A 467 -4.20 -27.17 -12.79
C GLU A 467 -4.55 -27.34 -14.27
N LYS A 468 -3.66 -27.97 -15.02
CA LYS A 468 -3.91 -28.21 -16.45
C LYS A 468 -5.09 -29.14 -16.64
N ASP A 469 -5.34 -29.99 -15.65
CA ASP A 469 -6.47 -30.91 -15.65
C ASP A 469 -7.79 -30.16 -15.49
N ASP A 470 -7.72 -28.84 -15.35
CA ASP A 470 -8.89 -28.03 -15.10
C ASP A 470 -9.51 -27.55 -16.40
N ALA A 471 -10.67 -28.12 -16.72
CA ALA A 471 -11.39 -27.83 -17.94
C ALA A 471 -12.22 -26.55 -17.85
N SER A 472 -12.34 -25.99 -16.66
CA SER A 472 -13.12 -24.77 -16.46
C SER A 472 -12.39 -23.50 -16.96
N MET A 473 -11.07 -23.58 -17.03
CA MET A 473 -10.26 -22.46 -17.47
C MET A 473 -9.83 -22.70 -18.90
N PRO A 474 -10.03 -21.71 -19.78
CA PRO A 474 -9.69 -21.90 -21.20
C PRO A 474 -8.19 -22.07 -21.44
N LEU A 475 -7.39 -21.36 -20.65
CA LEU A 475 -5.94 -21.31 -20.84
C LEU A 475 -5.18 -21.83 -19.61
N PRO A 476 -3.99 -22.41 -19.86
CA PRO A 476 -3.18 -22.91 -18.75
C PRO A 476 -2.59 -21.77 -17.94
N PHE A 477 -2.35 -22.02 -16.66
CA PHE A 477 -1.70 -21.08 -15.77
C PHE A 477 -0.30 -20.72 -16.27
N ASP A 478 0.42 -21.72 -16.75
CA ASP A 478 1.79 -21.55 -17.23
C ASP A 478 1.81 -21.28 -18.74
N LEU A 479 2.18 -20.06 -19.14
CA LEU A 479 2.04 -19.65 -20.54
C LEU A 479 3.31 -19.83 -21.35
N THR A 480 4.30 -20.46 -20.74
CA THR A 480 5.62 -20.66 -21.33
C THR A 480 5.58 -21.12 -22.78
N ASP A 481 4.84 -22.20 -23.01
CA ASP A 481 4.74 -22.80 -24.33
C ASP A 481 4.06 -21.86 -25.30
N ILE A 482 3.06 -21.14 -24.80
CA ILE A 482 2.30 -20.25 -25.64
C ILE A 482 3.20 -19.10 -26.10
N VAL A 483 3.83 -18.45 -25.14
CA VAL A 483 4.77 -17.38 -25.42
C VAL A 483 5.91 -17.84 -26.35
N SER A 484 6.36 -19.08 -26.15
CA SER A 484 7.34 -19.65 -27.07
C SER A 484 6.80 -19.73 -28.50
N GLU A 485 5.65 -20.36 -28.65
CA GLU A 485 5.01 -20.49 -29.97
C GLU A 485 4.87 -19.12 -30.63
N LEU A 486 4.37 -18.13 -29.88
CA LEU A 486 4.11 -16.82 -30.47
C LEU A 486 5.41 -16.14 -30.93
N ARG A 487 6.42 -16.16 -30.07
CA ARG A 487 7.75 -15.71 -30.48
C ARG A 487 8.29 -16.45 -31.69
N GLY A 488 8.10 -17.77 -31.71
CA GLY A 488 8.54 -18.56 -32.84
C GLY A 488 7.85 -18.07 -34.11
N GLN A 489 6.55 -17.85 -34.00
CA GLN A 489 5.79 -17.39 -35.14
C GLN A 489 6.27 -16.04 -35.63
N LEU A 490 6.60 -15.16 -34.73
CA LEU A 490 6.98 -13.82 -35.10
C LEU A 490 8.25 -13.74 -35.91
N LEU A 491 9.14 -14.70 -35.69
CA LEU A 491 10.46 -14.71 -36.33
C LEU A 491 10.54 -15.65 -37.55
N GLU A 492 9.40 -16.13 -38.04
CA GLU A 492 9.37 -17.03 -39.18
C GLU A 492 9.90 -16.34 -40.44
N ALA A 493 10.48 -17.15 -41.33
CA ALA A 493 11.32 -16.67 -42.43
C ALA A 493 10.61 -15.73 -43.39
N LYS A 494 11.32 -14.67 -43.79
CA LYS A 494 10.84 -13.71 -44.77
C LYS A 494 11.98 -13.26 -45.69
ZN ZN B . 7.47 6.24 7.12
O3 NKG C . 7.30 5.91 9.12
C15 NKG C . 6.29 5.37 9.48
N1 NKG C . 5.78 5.65 10.67
C16 NKG C . 6.47 6.51 11.58
C17 NKG C . 5.89 6.38 12.97
O2 NKG C . 5.94 7.31 13.74
O1 NKG C . 5.31 5.27 13.40
C14 NKG C . 5.70 4.39 8.54
C NKG C . 4.60 3.50 8.95
O NKG C . 4.05 3.53 10.18
N NKG C . 6.18 4.32 7.28
C3 NKG C . 5.68 3.43 6.41
C2 NKG C . 4.65 2.56 6.76
C1 NKG C . 4.09 2.59 8.03
C4 NKG C . 6.20 3.32 5.05
C13 NKG C . 5.48 3.82 3.97
C12 NKG C . 5.98 3.67 2.66
C11 NKG C . 7.20 3.03 2.41
C10 NKG C . 7.97 2.52 3.46
C5 NKG C . 7.49 2.63 4.86
C9 NKG C . 9.19 1.89 3.25
C8 NKG C . 9.92 1.35 4.33
C7 NKG C . 9.44 1.46 5.64
C6 NKG C . 8.24 2.10 5.90
#